data_7X8M
#
_entry.id   7X8M
#
loop_
_entity.id
_entity.type
_entity.pdbx_description
1 polymer 'DNA (24-MER)'
2 non-polymer BERBERINE
#
_entity_poly.entity_id   1
_entity_poly.type   'polydeoxyribonucleotide'
_entity_poly.pdbx_seq_one_letter_code
;(THM)(DG)(DA)(DG)(DG)(DG)(DC)(DG)(DG)(DT)(DG)(DT)(DG)(DG)(DG)(DA)(DA)(DT)(DA)
(DG)(DG)(DG)(DA)(DA)
;
_entity_poly.pdbx_strand_id   X
#